data_7NDM
#
_entry.id   7NDM
#
_cell.length_a   70.337
_cell.length_b   70.337
_cell.length_c   97.885
_cell.angle_alpha   90.00
_cell.angle_beta   90.00
_cell.angle_gamma   120.00
#
_symmetry.space_group_name_H-M   'P 31 2 1'
#
loop_
_entity.id
_entity.type
_entity.pdbx_description
1 polymer 'Heterocyclic toxin methyltransferase (Rv0560c)'
2 non-polymer S-ADENOSYL-L-HOMOCYSTEINE
3 non-polymer 4-oxidanyl-2~{H}-isoquinolin-1-one
4 non-polymer 'SODIUM ION'
5 non-polymer 'MALONATE ION'
6 water water
#
_entity_poly.entity_id   1
_entity_poly.type   'polypeptide(L)'
_entity_poly.pdbx_seq_one_letter_code
;MGSSHHHHHHHHENLYFQSAGTESLDLEFESAYRGESVAFGEGVRPPWSIGEPQPELAALIVQGKFRGDVLDVGCGEAAI
SLALAERGHTTVGLDLSPAAVELARHEAAKRGLANASFEVADASSFTGYDGRFDTIVDSTLFHSMPVESREGYLQSIVRA
AAPGASYFVLVFDRAAIPEGPINAVTEDELRAAVSKYWIIDEIKPARLYARFPAGFAGMPALLDIREEPNGLQSIGGWLL
SAHLG
;
_entity_poly.pdbx_strand_id   A
#
loop_
_chem_comp.id
_chem_comp.type
_chem_comp.name
_chem_comp.formula
MLI non-polymer 'MALONATE ION' 'C3 H2 O4 -2'
NA non-polymer 'SODIUM ION' 'Na 1'
SAH non-polymer S-ADENOSYL-L-HOMOCYSTEINE 'C14 H20 N6 O5 S'
U8N non-polymer 4-oxidanyl-2~{H}-isoquinolin-1-one 'C9 H7 N O2'
#
# COMPACT_ATOMS: atom_id res chain seq x y z
N THR A 22 -4.97 -7.37 21.70
CA THR A 22 -4.19 -7.74 20.53
C THR A 22 -5.12 -7.94 19.34
N GLU A 23 -4.57 -7.86 18.13
CA GLU A 23 -5.34 -8.08 16.91
C GLU A 23 -4.39 -8.59 15.85
N SER A 24 -4.90 -9.38 14.91
CA SER A 24 -4.04 -9.90 13.87
C SER A 24 -4.89 -10.29 12.69
N LEU A 25 -4.47 -9.85 11.49
CA LEU A 25 -5.15 -10.21 10.25
C LEU A 25 -4.37 -11.22 9.42
N ASP A 26 -3.25 -11.76 9.97
CA ASP A 26 -2.39 -12.64 9.18
C ASP A 26 -3.13 -13.79 8.52
N LEU A 27 -3.96 -14.51 9.29
CA LEU A 27 -4.66 -15.64 8.70
C LEU A 27 -5.62 -15.21 7.61
N GLU A 28 -6.32 -14.05 7.82
CA GLU A 28 -7.27 -13.56 6.84
C GLU A 28 -6.61 -13.21 5.52
N PHE A 29 -5.48 -12.50 5.56
CA PHE A 29 -4.81 -12.16 4.30
C PHE A 29 -4.29 -13.39 3.59
N GLU A 30 -3.73 -14.36 4.35
CA GLU A 30 -3.21 -15.56 3.71
C GLU A 30 -4.37 -16.31 3.06
N SER A 31 -5.53 -16.42 3.74
CA SER A 31 -6.68 -17.12 3.18
C SER A 31 -7.21 -16.43 1.92
N ALA A 32 -7.32 -15.09 1.94
CA ALA A 32 -7.80 -14.32 0.80
C ALA A 32 -6.90 -14.55 -0.41
N TYR A 33 -5.57 -14.52 -0.21
CA TYR A 33 -4.66 -14.74 -1.34
C TYR A 33 -4.69 -16.14 -1.86
N ARG A 34 -4.86 -17.15 -0.97
CA ARG A 34 -4.96 -18.54 -1.42
C ARG A 34 -6.27 -18.81 -2.16
N GLY A 35 -7.26 -17.93 -1.99
CA GLY A 35 -8.56 -18.03 -2.63
C GLY A 35 -9.53 -18.92 -1.89
N ARG A 45 -10.99 -13.90 -5.98
CA ARG A 45 -9.82 -13.03 -5.82
C ARG A 45 -10.08 -11.88 -4.84
N PRO A 46 -9.04 -11.45 -4.06
CA PRO A 46 -9.25 -10.34 -3.12
C PRO A 46 -9.76 -9.09 -3.85
N PRO A 47 -10.74 -8.37 -3.28
CA PRO A 47 -11.27 -7.20 -4.00
C PRO A 47 -10.21 -6.15 -4.32
N TRP A 48 -9.17 -6.00 -3.47
CA TRP A 48 -8.14 -5.00 -3.69
C TRP A 48 -7.14 -5.41 -4.80
N SER A 49 -7.12 -6.68 -5.21
CA SER A 49 -6.20 -7.13 -6.25
C SER A 49 -6.82 -6.81 -7.62
N ILE A 50 -6.83 -5.51 -7.94
CA ILE A 50 -7.51 -4.97 -9.12
C ILE A 50 -6.76 -5.19 -10.44
N GLY A 51 -5.59 -5.80 -10.39
CA GLY A 51 -4.84 -6.15 -11.60
C GLY A 51 -4.13 -4.98 -12.26
N GLU A 52 -3.98 -3.88 -11.52
CA GLU A 52 -3.31 -2.68 -11.98
C GLU A 52 -2.92 -1.89 -10.73
N PRO A 53 -1.97 -0.95 -10.82
CA PRO A 53 -1.69 -0.11 -9.66
C PRO A 53 -2.96 0.67 -9.26
N GLN A 54 -3.08 1.00 -7.97
CA GLN A 54 -4.19 1.87 -7.58
C GLN A 54 -4.15 3.15 -8.41
N PRO A 55 -5.28 3.55 -9.02
CA PRO A 55 -5.26 4.75 -9.89
C PRO A 55 -4.66 5.99 -9.24
N GLU A 56 -4.91 6.20 -7.94
CA GLU A 56 -4.35 7.42 -7.32
C GLU A 56 -2.84 7.42 -7.29
N LEU A 57 -2.26 6.23 -7.18
CA LEU A 57 -0.81 6.09 -7.18
C LEU A 57 -0.27 6.08 -8.59
N ALA A 58 -1.01 5.51 -9.58
CA ALA A 58 -0.56 5.55 -10.98
C ALA A 58 -0.45 7.02 -11.44
N ALA A 59 -1.33 7.91 -10.94
CA ALA A 59 -1.24 9.33 -11.33
C ALA A 59 0.10 9.94 -10.86
N LEU A 60 0.61 9.52 -9.69
CA LEU A 60 1.90 10.06 -9.22
C LEU A 60 3.03 9.48 -10.04
N ILE A 61 2.91 8.20 -10.45
CA ILE A 61 3.96 7.61 -11.30
C ILE A 61 4.08 8.42 -12.62
N VAL A 62 2.94 8.75 -13.26
CA VAL A 62 3.05 9.48 -14.53
CA VAL A 62 2.89 9.54 -14.51
C VAL A 62 3.62 10.89 -14.34
N GLN A 63 3.49 11.50 -13.15
CA GLN A 63 4.08 12.79 -12.83
C GLN A 63 5.59 12.69 -12.57
N GLY A 64 6.17 11.48 -12.61
CA GLY A 64 7.60 11.30 -12.43
C GLY A 64 8.04 11.26 -10.97
N LYS A 65 7.07 11.06 -10.06
CA LYS A 65 7.34 11.11 -8.61
C LYS A 65 8.03 9.87 -8.06
N PHE A 66 8.05 8.77 -8.83
CA PHE A 66 8.70 7.53 -8.39
C PHE A 66 10.09 7.48 -9.00
N ARG A 67 11.08 7.52 -8.11
CA ARG A 67 12.50 7.57 -8.51
CA ARG A 67 12.51 7.61 -8.44
C ARG A 67 13.27 6.40 -8.00
N GLY A 68 14.29 6.01 -8.76
CA GLY A 68 15.25 4.97 -8.44
C GLY A 68 14.70 3.68 -7.95
N ASP A 69 15.36 3.05 -6.95
CA ASP A 69 14.89 1.76 -6.45
C ASP A 69 13.67 1.97 -5.58
N VAL A 70 12.63 1.17 -5.81
CA VAL A 70 11.34 1.35 -5.14
C VAL A 70 11.04 0.19 -4.22
N LEU A 71 10.54 0.50 -3.01
CA LEU A 71 10.06 -0.51 -2.08
C LEU A 71 8.53 -0.41 -2.07
N ASP A 72 7.88 -1.53 -2.38
CA ASP A 72 6.41 -1.65 -2.35
C ASP A 72 6.12 -2.42 -1.06
N VAL A 73 5.74 -1.69 -0.01
CA VAL A 73 5.63 -2.30 1.32
C VAL A 73 4.20 -2.78 1.58
N GLY A 74 4.06 -4.05 2.02
CA GLY A 74 2.74 -4.69 2.09
C GLY A 74 2.26 -4.84 0.64
N CYS A 75 3.13 -5.40 -0.23
CA CYS A 75 2.92 -5.37 -1.66
C CYS A 75 1.73 -6.15 -2.20
N GLY A 76 1.29 -7.18 -1.47
CA GLY A 76 0.24 -8.06 -2.01
C GLY A 76 0.67 -8.67 -3.32
N GLU A 77 -0.23 -8.64 -4.32
CA GLU A 77 0.04 -9.19 -5.65
C GLU A 77 0.93 -8.24 -6.47
N ALA A 78 1.22 -7.03 -5.89
CA ALA A 78 2.27 -6.12 -6.35
C ALA A 78 2.07 -5.52 -7.75
N ALA A 79 0.83 -5.22 -8.14
CA ALA A 79 0.66 -4.61 -9.46
C ALA A 79 1.54 -3.33 -9.61
N ILE A 80 1.66 -2.50 -8.54
CA ILE A 80 2.48 -1.29 -8.69
C ILE A 80 3.97 -1.61 -8.86
N SER A 81 4.55 -2.59 -8.10
CA SER A 81 5.95 -3.03 -8.30
C SER A 81 6.15 -3.44 -9.74
N LEU A 82 5.23 -4.30 -10.25
CA LEU A 82 5.38 -4.83 -11.60
C LEU A 82 5.32 -3.73 -12.64
N ALA A 83 4.42 -2.74 -12.47
CA ALA A 83 4.34 -1.61 -13.41
C ALA A 83 5.65 -0.81 -13.36
N LEU A 84 6.20 -0.56 -12.17
CA LEU A 84 7.46 0.20 -12.06
C LEU A 84 8.64 -0.56 -12.59
N ALA A 85 8.62 -1.92 -12.44
CA ALA A 85 9.73 -2.72 -12.98
C ALA A 85 9.68 -2.77 -14.51
N GLU A 86 8.49 -2.56 -15.10
CA GLU A 86 8.37 -2.43 -16.57
C GLU A 86 8.88 -1.07 -17.06
N ARG A 87 9.02 -0.11 -16.15
CA ARG A 87 9.41 1.28 -16.43
C ARG A 87 10.85 1.57 -16.01
N GLY A 88 11.66 0.51 -15.96
CA GLY A 88 13.08 0.64 -15.69
C GLY A 88 13.52 0.67 -14.24
N HIS A 89 12.60 0.57 -13.27
CA HIS A 89 13.08 0.60 -11.89
C HIS A 89 13.40 -0.79 -11.35
N THR A 90 14.39 -0.87 -10.45
CA THR A 90 14.59 -2.11 -9.71
C THR A 90 13.60 -1.99 -8.55
N THR A 91 12.82 -3.03 -8.32
CA THR A 91 11.77 -2.98 -7.28
C THR A 91 11.86 -4.14 -6.30
N VAL A 92 11.46 -3.87 -5.04
CA VAL A 92 11.37 -4.91 -4.01
C VAL A 92 9.99 -4.78 -3.41
N GLY A 93 9.28 -5.91 -3.29
CA GLY A 93 7.99 -5.92 -2.63
C GLY A 93 8.09 -6.79 -1.39
N LEU A 94 7.57 -6.29 -0.24
CA LEU A 94 7.60 -7.07 1.00
C LEU A 94 6.18 -7.31 1.43
N ASP A 95 5.87 -8.53 1.88
CA ASP A 95 4.53 -8.82 2.40
C ASP A 95 4.65 -9.87 3.45
N LEU A 96 3.80 -9.81 4.48
CA LEU A 96 3.86 -10.80 5.55
C LEU A 96 3.24 -12.13 5.06
N SER A 97 2.40 -12.07 4.02
CA SER A 97 1.72 -13.26 3.51
C SER A 97 2.57 -14.03 2.50
N PRO A 98 2.98 -15.28 2.78
CA PRO A 98 3.67 -16.07 1.74
C PRO A 98 2.87 -16.25 0.46
N ALA A 99 1.51 -16.37 0.54
CA ALA A 99 0.68 -16.52 -0.66
C ALA A 99 0.73 -15.28 -1.53
N ALA A 100 0.76 -14.08 -0.91
CA ALA A 100 0.86 -12.86 -1.68
C ALA A 100 2.20 -12.89 -2.43
N VAL A 101 3.28 -13.24 -1.74
CA VAL A 101 4.62 -13.26 -2.37
C VAL A 101 4.65 -14.26 -3.53
N GLU A 102 4.00 -15.44 -3.38
CA GLU A 102 3.92 -16.40 -4.50
C GLU A 102 3.25 -15.78 -5.69
N LEU A 103 2.13 -15.08 -5.44
CA LEU A 103 1.34 -14.49 -6.53
C LEU A 103 2.14 -13.44 -7.24
N ALA A 104 2.81 -12.54 -6.46
CA ALA A 104 3.62 -11.48 -7.08
C ALA A 104 4.74 -12.09 -7.94
N ARG A 105 5.44 -13.10 -7.41
CA ARG A 105 6.50 -13.77 -8.17
C ARG A 105 5.94 -14.41 -9.44
N HIS A 106 4.74 -15.00 -9.37
CA HIS A 106 4.16 -15.70 -10.51
C HIS A 106 3.83 -14.70 -11.63
N GLU A 107 3.34 -13.51 -11.27
CA GLU A 107 3.06 -12.50 -12.29
C GLU A 107 4.36 -11.91 -12.84
N ALA A 108 5.39 -11.74 -11.97
CA ALA A 108 6.69 -11.25 -12.46
C ALA A 108 7.30 -12.25 -13.46
N ALA A 109 7.09 -13.55 -13.24
CA ALA A 109 7.58 -14.60 -14.14
C ALA A 109 6.84 -14.48 -15.49
N LYS A 110 5.49 -14.34 -15.46
CA LYS A 110 4.68 -14.20 -16.68
C LYS A 110 5.19 -13.03 -17.52
N ARG A 111 5.55 -11.93 -16.86
CA ARG A 111 6.04 -10.74 -17.55
C ARG A 111 7.55 -10.73 -17.87
N GLY A 112 8.28 -11.77 -17.44
CA GLY A 112 9.72 -11.89 -17.68
C GLY A 112 10.55 -10.83 -16.96
N LEU A 113 10.05 -10.32 -15.82
CA LEU A 113 10.67 -9.22 -15.07
C LEU A 113 11.66 -9.60 -13.98
N ALA A 114 12.93 -9.71 -14.36
CA ALA A 114 14.08 -10.03 -13.51
C ALA A 114 14.41 -8.98 -12.45
N ASN A 115 14.00 -7.73 -12.69
CA ASN A 115 14.31 -6.58 -11.82
C ASN A 115 13.27 -6.32 -10.71
N ALA A 116 12.24 -7.16 -10.60
CA ALA A 116 11.25 -7.10 -9.50
C ALA A 116 11.49 -8.29 -8.57
N SER A 117 11.70 -8.06 -7.30
CA SER A 117 11.89 -9.20 -6.38
C SER A 117 10.94 -9.03 -5.22
N PHE A 118 10.64 -10.15 -4.54
CA PHE A 118 9.67 -10.14 -3.45
C PHE A 118 10.20 -10.98 -2.34
N GLU A 119 9.84 -10.63 -1.12
CA GLU A 119 10.27 -11.37 0.05
C GLU A 119 9.16 -11.31 1.10
N VAL A 120 9.05 -12.38 1.88
CA VAL A 120 8.13 -12.42 3.01
C VAL A 120 8.84 -11.68 4.13
N ALA A 121 8.18 -10.65 4.68
CA ALA A 121 8.76 -9.85 5.75
C ALA A 121 7.67 -9.10 6.45
N ASP A 122 7.95 -8.66 7.69
CA ASP A 122 7.02 -7.87 8.47
C ASP A 122 7.42 -6.41 8.29
N ALA A 123 6.56 -5.62 7.66
CA ALA A 123 6.82 -4.20 7.45
C ALA A 123 7.10 -3.43 8.71
N SER A 124 6.59 -3.91 9.86
CA SER A 124 6.79 -3.24 11.14
C SER A 124 8.14 -3.53 11.80
N SER A 125 9.02 -4.42 11.24
N SER A 125 8.85 -4.53 11.27
CA SER A 125 10.32 -4.70 11.94
CA SER A 125 10.10 -4.97 11.82
C SER A 125 11.49 -5.20 11.07
C SER A 125 10.87 -5.75 10.77
N PHE A 126 11.40 -5.03 9.77
CA PHE A 126 12.31 -5.60 8.78
C PHE A 126 13.63 -4.86 8.70
N THR A 127 14.72 -5.56 8.34
CA THR A 127 16.05 -4.99 8.13
C THR A 127 16.58 -5.54 6.79
N GLY A 128 17.85 -5.27 6.47
CA GLY A 128 18.50 -5.80 5.27
C GLY A 128 18.53 -4.88 4.07
N TYR A 129 17.94 -3.67 4.18
CA TYR A 129 17.88 -2.71 3.06
C TYR A 129 18.31 -1.30 3.48
N ASP A 130 19.27 -1.18 4.42
CA ASP A 130 19.64 0.16 4.92
C ASP A 130 20.01 1.13 3.81
N GLY A 131 19.31 2.27 3.79
CA GLY A 131 19.54 3.37 2.84
C GLY A 131 19.37 3.03 1.38
N ARG A 132 18.63 1.98 1.09
CA ARG A 132 18.48 1.49 -0.26
C ARG A 132 17.53 2.27 -1.18
N PHE A 133 16.34 2.55 -0.69
CA PHE A 133 15.29 3.00 -1.56
C PHE A 133 15.11 4.48 -1.74
N ASP A 134 14.92 4.91 -2.99
CA ASP A 134 14.64 6.31 -3.28
C ASP A 134 13.15 6.64 -3.21
N THR A 135 12.30 5.60 -3.28
CA THR A 135 10.85 5.80 -3.17
C THR A 135 10.32 4.62 -2.41
N ILE A 136 9.38 4.89 -1.48
CA ILE A 136 8.71 3.83 -0.74
C ILE A 136 7.23 4.07 -0.92
N VAL A 137 6.51 3.04 -1.33
CA VAL A 137 5.07 3.19 -1.56
C VAL A 137 4.30 2.20 -0.70
N ASP A 138 3.30 2.75 -0.01
CA ASP A 138 2.38 1.97 0.83
C ASP A 138 1.02 2.05 0.14
N SER A 139 0.68 1.01 -0.62
CA SER A 139 -0.62 0.93 -1.28
C SER A 139 -1.57 0.13 -0.39
N THR A 140 -2.20 0.83 0.57
CA THR A 140 -3.25 0.31 1.45
C THR A 140 -2.71 -0.67 2.51
N LEU A 141 -1.38 -0.70 2.72
CA LEU A 141 -0.85 -1.46 3.86
C LEU A 141 -1.17 -0.68 5.16
N PHE A 142 -1.11 0.66 5.15
CA PHE A 142 -1.11 1.43 6.38
C PHE A 142 -2.18 1.03 7.38
N HIS A 143 -3.43 0.90 6.93
CA HIS A 143 -4.56 0.57 7.81
C HIS A 143 -4.66 -0.96 8.10
N SER A 144 -3.76 -1.76 7.50
CA SER A 144 -3.77 -3.23 7.58
C SER A 144 -2.93 -3.83 8.71
N MET A 145 -2.38 -2.95 9.58
CA MET A 145 -1.59 -3.38 10.75
C MET A 145 -2.18 -2.67 11.95
N PRO A 146 -1.90 -3.18 13.16
CA PRO A 146 -2.40 -2.51 14.36
C PRO A 146 -1.83 -1.09 14.51
N VAL A 147 -2.57 -0.22 15.20
CA VAL A 147 -2.10 1.14 15.43
C VAL A 147 -0.72 1.11 16.13
N GLU A 148 -0.55 0.18 17.10
CA GLU A 148 0.70 0.08 17.87
C GLU A 148 1.94 -0.32 17.04
N SER A 149 1.73 -0.86 15.81
CA SER A 149 2.81 -1.29 14.94
C SER A 149 3.32 -0.16 14.03
N ARG A 150 2.60 0.97 14.00
CA ARG A 150 2.95 2.06 13.09
C ARG A 150 4.32 2.62 13.34
N GLU A 151 4.69 2.86 14.62
CA GLU A 151 6.03 3.40 14.90
C GLU A 151 7.14 2.51 14.37
N GLY A 152 7.07 1.20 14.63
CA GLY A 152 8.07 0.25 14.15
C GLY A 152 8.15 0.22 12.64
N TYR A 153 6.97 0.27 12.00
CA TYR A 153 6.87 0.31 10.54
C TYR A 153 7.54 1.58 10.00
N LEU A 154 7.18 2.73 10.57
CA LEU A 154 7.77 3.97 10.05
C LEU A 154 9.28 4.01 10.29
N GLN A 155 9.76 3.51 11.45
CA GLN A 155 11.19 3.45 11.72
CA GLN A 155 11.19 3.45 11.72
C GLN A 155 11.87 2.51 10.72
N SER A 156 11.21 1.40 10.38
CA SER A 156 11.79 0.42 9.47
C SER A 156 11.91 0.97 8.03
N ILE A 157 10.88 1.61 7.52
CA ILE A 157 11.00 2.17 6.17
C ILE A 157 11.99 3.34 6.14
N VAL A 158 12.07 4.18 7.22
CA VAL A 158 13.07 5.24 7.22
C VAL A 158 14.46 4.62 7.16
N ARG A 159 14.69 3.53 7.94
CA ARG A 159 15.98 2.84 7.94
C ARG A 159 16.33 2.35 6.51
N ALA A 160 15.31 1.93 5.75
CA ALA A 160 15.52 1.41 4.39
C ALA A 160 15.55 2.51 3.33
N ALA A 161 15.43 3.79 3.74
CA ALA A 161 15.35 4.90 2.80
C ALA A 161 16.67 5.59 2.56
N ALA A 162 16.92 5.89 1.28
CA ALA A 162 18.12 6.65 0.91
C ALA A 162 17.86 8.12 1.25
N PRO A 163 18.89 8.96 1.40
CA PRO A 163 18.62 10.38 1.69
C PRO A 163 17.69 11.01 0.63
N GLY A 164 16.72 11.81 1.09
CA GLY A 164 15.77 12.51 0.23
C GLY A 164 14.73 11.63 -0.41
N ALA A 165 14.59 10.40 0.08
CA ALA A 165 13.63 9.45 -0.49
C ALA A 165 12.22 10.02 -0.43
N SER A 166 11.36 9.61 -1.38
CA SER A 166 9.96 10.03 -1.35
C SER A 166 9.14 8.89 -0.72
N TYR A 167 8.00 9.21 -0.13
CA TYR A 167 7.14 8.22 0.52
C TYR A 167 5.71 8.57 0.16
N PHE A 168 4.96 7.57 -0.35
CA PHE A 168 3.57 7.77 -0.73
C PHE A 168 2.73 6.75 -0.04
N VAL A 169 1.61 7.20 0.56
CA VAL A 169 0.68 6.32 1.29
C VAL A 169 -0.72 6.52 0.75
N LEU A 170 -1.43 5.42 0.46
CA LEU A 170 -2.85 5.44 0.10
C LEU A 170 -3.52 4.61 1.20
N VAL A 171 -4.45 5.23 1.95
CA VAL A 171 -5.01 4.60 3.16
C VAL A 171 -6.50 4.93 3.27
N PHE A 172 -7.27 4.04 3.89
CA PHE A 172 -8.69 4.32 4.09
C PHE A 172 -8.87 5.49 5.05
N ASP A 173 -9.99 6.19 4.87
CA ASP A 173 -10.43 7.28 5.75
C ASP A 173 -11.31 6.67 6.82
N ARG A 174 -11.06 7.07 8.07
CA ARG A 174 -11.84 6.61 9.23
C ARG A 174 -13.30 7.03 9.08
N ALA A 175 -13.59 8.12 8.32
CA ALA A 175 -14.99 8.52 8.12
C ALA A 175 -15.72 7.44 7.29
N ALA A 176 -14.98 6.66 6.47
CA ALA A 176 -15.57 5.63 5.60
C ALA A 176 -15.51 4.23 6.21
N ILE A 177 -14.48 3.94 7.01
CA ILE A 177 -14.21 2.60 7.57
C ILE A 177 -14.10 2.71 9.07
N PRO A 178 -15.00 2.03 9.78
CA PRO A 178 -15.09 2.24 11.22
C PRO A 178 -14.06 1.49 12.02
N GLU A 179 -14.07 1.75 13.33
CA GLU A 179 -13.26 1.02 14.30
C GLU A 179 -13.63 -0.46 14.14
N GLY A 180 -12.60 -1.29 13.99
CA GLY A 180 -12.77 -2.72 13.80
C GLY A 180 -11.49 -3.36 13.33
N PRO A 181 -11.55 -4.41 12.49
CA PRO A 181 -10.30 -5.06 12.03
C PRO A 181 -9.37 -4.14 11.27
N ILE A 182 -9.96 -3.16 10.58
CA ILE A 182 -9.18 -2.20 9.77
C ILE A 182 -8.96 -0.93 10.56
N ASN A 183 -7.71 -0.43 10.56
CA ASN A 183 -7.35 0.76 11.33
C ASN A 183 -7.22 1.95 10.39
N ALA A 184 -8.37 2.40 9.87
CA ALA A 184 -8.44 3.54 8.95
C ALA A 184 -8.16 4.82 9.76
N VAL A 185 -7.76 5.93 9.08
CA VAL A 185 -7.26 7.10 9.78
C VAL A 185 -8.02 8.38 9.46
N THR A 186 -7.95 9.35 10.38
CA THR A 186 -8.44 10.69 10.07
C THR A 186 -7.21 11.40 9.45
N GLU A 187 -7.42 12.55 8.84
CA GLU A 187 -6.29 13.28 8.26
C GLU A 187 -5.30 13.71 9.35
N ASP A 188 -5.80 14.18 10.50
CA ASP A 188 -4.93 14.62 11.60
C ASP A 188 -4.14 13.45 12.18
N GLU A 189 -4.77 12.26 12.29
CA GLU A 189 -4.11 11.08 12.82
C GLU A 189 -2.97 10.66 11.91
N LEU A 190 -3.26 10.63 10.60
CA LEU A 190 -2.25 10.27 9.60
C LEU A 190 -1.07 11.25 9.62
N ARG A 191 -1.38 12.55 9.70
CA ARG A 191 -0.34 13.58 9.73
CA ARG A 191 -0.32 13.55 9.72
C ARG A 191 0.53 13.38 10.96
N ALA A 192 -0.10 13.20 12.12
CA ALA A 192 0.65 13.05 13.38
C ALA A 192 1.57 11.83 13.37
N ALA A 193 1.10 10.72 12.81
CA ALA A 193 1.92 9.50 12.79
C ALA A 193 3.11 9.66 11.85
N VAL A 194 2.85 10.13 10.64
CA VAL A 194 3.87 10.17 9.59
C VAL A 194 4.84 11.32 9.78
N SER A 195 4.36 12.50 10.24
CA SER A 195 5.27 13.65 10.39
C SER A 195 6.37 13.46 11.43
N LYS A 196 6.26 12.44 12.32
CA LYS A 196 7.33 12.17 13.28
C LYS A 196 8.59 11.66 12.53
N TYR A 197 8.37 11.06 11.34
CA TYR A 197 9.44 10.38 10.58
C TYR A 197 9.73 10.94 9.19
N TRP A 198 8.78 11.68 8.62
CA TRP A 198 8.91 12.20 7.25
C TRP A 198 8.40 13.64 7.15
N ILE A 199 8.89 14.38 6.15
CA ILE A 199 8.42 15.73 5.88
CA ILE A 199 8.43 15.74 5.89
C ILE A 199 7.22 15.59 4.96
N ILE A 200 6.05 16.00 5.42
CA ILE A 200 4.87 15.80 4.59
C ILE A 200 4.71 16.94 3.61
N ASP A 201 4.49 16.58 2.36
CA ASP A 201 4.28 17.54 1.28
C ASP A 201 2.82 17.76 1.01
N GLU A 202 1.99 16.71 1.07
CA GLU A 202 0.57 16.84 0.80
C GLU A 202 -0.20 15.71 1.43
N ILE A 203 -1.43 16.01 1.90
CA ILE A 203 -2.41 15.01 2.28
C ILE A 203 -3.66 15.46 1.62
N LYS A 204 -4.30 14.59 0.82
CA LYS A 204 -5.56 14.99 0.21
C LYS A 204 -6.52 13.81 0.14
N PRO A 205 -7.83 14.08 0.06
CA PRO A 205 -8.80 12.98 -0.14
C PRO A 205 -8.45 12.20 -1.40
N ALA A 206 -8.72 10.89 -1.37
CA ALA A 206 -8.42 9.98 -2.47
C ALA A 206 -9.40 8.86 -2.46
N ARG A 207 -9.44 8.13 -3.58
CA ARG A 207 -10.30 6.97 -3.68
C ARG A 207 -9.45 5.72 -3.65
N LEU A 208 -9.95 4.67 -2.96
CA LEU A 208 -9.31 3.35 -2.97
C LEU A 208 -10.21 2.45 -3.78
N TYR A 209 -9.68 1.89 -4.88
CA TYR A 209 -10.48 1.08 -5.80
C TYR A 209 -10.46 -0.39 -5.48
N ALA A 210 -11.56 -1.08 -5.80
CA ALA A 210 -11.68 -2.49 -5.54
C ALA A 210 -12.72 -3.11 -6.45
N ARG A 211 -12.71 -4.44 -6.54
CA ARG A 211 -13.77 -5.13 -7.27
C ARG A 211 -14.49 -5.97 -6.24
N PHE A 212 -15.60 -5.48 -5.70
CA PHE A 212 -16.33 -6.21 -4.67
C PHE A 212 -17.38 -7.13 -5.26
N PRO A 213 -17.68 -8.24 -4.54
CA PRO A 213 -18.78 -9.12 -4.99
C PRO A 213 -20.10 -8.40 -4.87
N ALA A 214 -21.11 -8.84 -5.64
CA ALA A 214 -22.46 -8.29 -5.53
C ALA A 214 -22.98 -8.47 -4.10
N GLY A 215 -23.66 -7.45 -3.59
CA GLY A 215 -24.24 -7.46 -2.25
C GLY A 215 -23.24 -7.35 -1.11
N PHE A 216 -22.01 -6.91 -1.46
CA PHE A 216 -20.96 -6.76 -0.48
C PHE A 216 -21.42 -5.74 0.55
N ALA A 217 -21.22 -6.09 1.80
CA ALA A 217 -21.53 -5.33 3.00
C ALA A 217 -23.04 -5.11 3.21
N GLY A 218 -23.85 -5.91 2.52
CA GLY A 218 -25.28 -5.97 2.78
C GLY A 218 -26.21 -5.28 1.84
N MET A 219 -27.50 -5.51 2.10
CA MET A 219 -28.59 -4.86 1.37
CA MET A 219 -28.64 -4.97 1.36
C MET A 219 -29.71 -4.45 2.34
N PRO A 220 -29.80 -3.13 2.67
CA PRO A 220 -28.90 -2.02 2.27
C PRO A 220 -27.47 -2.19 2.78
N ALA A 221 -26.52 -1.58 2.08
CA ALA A 221 -25.10 -1.70 2.47
C ALA A 221 -24.77 -0.90 3.72
N LEU A 222 -23.88 -1.47 4.55
CA LEU A 222 -23.46 -0.84 5.79
C LEU A 222 -22.30 0.12 5.56
N LEU A 223 -21.71 0.09 4.35
CA LEU A 223 -20.60 0.98 3.97
C LEU A 223 -21.00 1.79 2.75
N ASP A 224 -20.33 2.93 2.55
CA ASP A 224 -20.55 3.78 1.37
C ASP A 224 -19.59 3.31 0.29
N ILE A 225 -20.10 2.53 -0.66
CA ILE A 225 -19.30 1.99 -1.78
C ILE A 225 -19.75 2.67 -3.06
N ARG A 226 -18.83 3.40 -3.69
CA ARG A 226 -19.14 4.15 -4.90
C ARG A 226 -18.93 3.27 -6.11
N GLU A 227 -19.91 3.22 -7.00
CA GLU A 227 -19.79 2.48 -8.26
C GLU A 227 -19.04 3.34 -9.26
N GLU A 228 -18.00 2.77 -9.85
CA GLU A 228 -17.15 3.50 -10.78
C GLU A 228 -17.29 2.92 -12.18
N PRO A 229 -16.74 3.59 -13.21
CA PRO A 229 -16.76 2.97 -14.55
C PRO A 229 -15.93 1.67 -14.55
N ASN A 230 -16.07 0.85 -15.59
CA ASN A 230 -15.30 -0.40 -15.83
C ASN A 230 -15.51 -1.47 -14.74
N GLY A 231 -16.71 -1.48 -14.15
CA GLY A 231 -17.09 -2.46 -13.13
C GLY A 231 -16.26 -2.40 -11.86
N LEU A 232 -15.65 -1.25 -11.58
CA LEU A 232 -14.89 -1.08 -10.35
C LEU A 232 -15.76 -0.34 -9.33
N GLN A 233 -15.29 -0.36 -8.08
CA GLN A 233 -15.94 0.35 -6.98
CA GLN A 233 -15.93 0.30 -6.95
C GLN A 233 -14.86 1.11 -6.22
N SER A 234 -15.25 2.07 -5.38
CA SER A 234 -14.25 2.78 -4.58
C SER A 234 -14.79 3.17 -3.23
N ILE A 235 -13.86 3.34 -2.27
CA ILE A 235 -14.20 3.78 -0.91
C ILE A 235 -13.25 4.97 -0.61
N GLY A 236 -13.72 5.91 0.20
CA GLY A 236 -12.94 7.08 0.57
C GLY A 236 -11.67 6.80 1.33
N GLY A 237 -10.65 7.62 1.04
CA GLY A 237 -9.36 7.48 1.68
C GLY A 237 -8.56 8.75 1.61
N TRP A 238 -7.27 8.61 1.86
CA TRP A 238 -6.31 9.71 1.85
C TRP A 238 -5.12 9.31 1.04
N LEU A 239 -4.54 10.28 0.32
CA LEU A 239 -3.28 10.10 -0.41
C LEU A 239 -2.30 11.05 0.22
N LEU A 240 -1.22 10.48 0.81
CA LEU A 240 -0.19 11.31 1.44
C LEU A 240 1.09 11.20 0.62
N SER A 241 1.77 12.35 0.46
CA SER A 241 3.06 12.45 -0.22
C SER A 241 4.04 13.08 0.76
N ALA A 242 5.20 12.45 0.94
CA ALA A 242 6.19 12.96 1.87
C ALA A 242 7.59 12.68 1.36
N HIS A 243 8.61 13.21 2.06
CA HIS A 243 9.99 12.94 1.67
C HIS A 243 10.86 12.95 2.91
N LEU A 244 12.03 12.34 2.79
CA LEU A 244 12.92 12.28 3.93
C LEU A 244 13.62 13.55 4.07
N GLY A 245 13.49 14.08 5.28
CA GLY A 245 14.10 15.34 5.67
C GLY A 245 15.55 15.23 6.08
N SAH B . -0.42 -3.27 -1.76
CA SAH B . -1.33 -4.33 -2.26
CB SAH B . -2.00 -5.16 -1.10
CG SAH B . -2.93 -4.29 -0.26
SD SAH B . -3.79 -5.23 1.05
C SAH B . -2.38 -3.72 -3.20
O SAH B . -2.55 -2.51 -3.29
OXT SAH B . -3.10 -4.60 -3.82
C5' SAH B . -2.68 -5.01 2.47
C4' SAH B . -1.43 -5.87 2.38
O4' SAH B . -0.65 -5.65 3.57
C3' SAH B . -1.73 -7.38 2.35
O3' SAH B . -1.09 -8.03 1.25
C2' SAH B . -1.22 -7.88 3.71
O2' SAH B . -0.79 -9.25 3.75
C1' SAH B . -0.10 -6.88 3.96
N9 SAH B . 0.34 -6.79 5.34
C8 SAH B . -0.42 -6.61 6.46
N7 SAH B . 0.27 -6.44 7.56
C5 SAH B . 1.59 -6.54 7.14
C6 SAH B . 2.82 -6.46 7.82
N6 SAH B . 2.94 -6.27 9.14
N1 SAH B . 3.95 -6.54 7.08
C2 SAH B . 3.85 -6.72 5.75
N3 SAH B . 2.74 -6.86 5.02
C4 SAH B . 1.65 -6.76 5.77
C2 U8N C . -9.34 -2.42 -0.12
C U8N C . -11.20 -3.92 -0.34
O U8N C . -8.38 -4.38 3.53
C3 U8N C . -8.98 -3.02 1.08
C4 U8N C . -9.75 -4.07 1.59
C5 U8N C . -9.39 -4.67 2.88
C6 U8N C . -11.29 -6.18 2.58
C7 U8N C . -11.62 -5.67 1.40
C8 U8N C . -10.86 -4.54 0.87
N U8N C . -10.22 -5.69 3.30
O1 U8N C . -12.51 -6.20 0.56
C1 U8N C . -10.44 -2.85 -0.81
NA NA D . -1.38 -6.88 9.55
NA NA E . -8.15 13.77 -6.25
NA NA F . 8.49 5.87 -13.58
C1 MLI G . 10.67 -17.68 -0.29
C2 MLI G . 9.86 -16.57 0.36
C3 MLI G . 12.19 -17.54 -0.27
O6 MLI G . 8.63 -16.79 0.53
O7 MLI G . 10.43 -15.48 0.69
O8 MLI G . 12.85 -18.49 0.23
O9 MLI G . 12.70 -16.51 -0.79
#